data_2DY5
#
_entry.id   2DY5
#
_cell.length_a   66.780
_cell.length_b   66.780
_cell.length_c   121.390
_cell.angle_alpha   90.00
_cell.angle_beta   90.00
_cell.angle_gamma   120.00
#
_symmetry.space_group_name_H-M   'P 32 2 1'
#
loop_
_entity.id
_entity.type
_entity.pdbx_description
1 polymer 'Heme oxygenase 1'
2 non-polymer 'CHLORIDE ION'
3 non-polymer 'PROTOPORPHYRIN IX CONTAINING FE'
4 non-polymer 1-({2-[2-(4-CHLOROPHENYL)ETHYL]-1,3-DIOXOLAN-2-YL}METHYL)-1H-IMIDAZOLE
5 water water
#
_entity_poly.entity_id   1
_entity_poly.type   'polypeptide(L)'
_entity_poly.pdbx_seq_one_letter_code
;MERPQLDSMSQDLSEALKEATKEVHIRAENSEFMRNFQKGQVSREGFKLVMASLYHIYTALEEEIERNKQNPVYAPLYFP
EELHRRAALEQDMAFWYGPHWQEAIPYTPATQHYVKRLHEVGGTHPELLVAHAYTRYLGDLSGGQVLKKIAQKAMALPSS
GEGLAFFTFPSIDNPTKFKQLYRARMNTLEMTPEVKHRVTEEAKTAFLLNIELFEELQALLTEEHKDQSPSQTEFLRQRP
ASLVQDTTSAETPRGKSQISTSSSQTP
;
_entity_poly.pdbx_strand_id   A
#
# COMPACT_ATOMS: atom_id res chain seq x y z
N SER A 10 15.85 20.16 12.85
CA SER A 10 14.38 20.38 12.72
C SER A 10 13.61 19.19 13.29
N GLN A 11 12.52 18.80 12.63
CA GLN A 11 11.70 17.68 13.08
C GLN A 11 11.96 16.40 12.27
N ASP A 12 12.06 15.27 12.97
CA ASP A 12 12.31 13.98 12.32
C ASP A 12 11.32 13.68 11.21
N LEU A 13 11.81 13.08 10.14
CA LEU A 13 10.99 12.74 8.99
C LEU A 13 9.80 11.84 9.31
N SER A 14 10.04 10.80 10.09
CA SER A 14 8.96 9.86 10.43
C SER A 14 7.79 10.56 11.11
N GLU A 15 8.07 11.66 11.80
CA GLU A 15 7.02 12.37 12.49
C GLU A 15 6.49 13.55 11.66
N ALA A 16 7.26 13.98 10.68
CA ALA A 16 6.83 15.05 9.79
C ALA A 16 5.76 14.45 8.88
N LEU A 17 5.94 13.19 8.54
CA LEU A 17 5.00 12.50 7.68
C LEU A 17 3.72 12.14 8.41
N LYS A 18 3.84 11.78 9.68
CA LYS A 18 2.68 11.41 10.47
C LYS A 18 1.76 12.62 10.55
N GLU A 19 2.35 13.78 10.82
CA GLU A 19 1.59 15.02 10.93
C GLU A 19 1.00 15.43 9.60
N ALA A 20 1.84 15.42 8.57
CA ALA A 20 1.40 15.81 7.25
C ALA A 20 0.29 14.97 6.67
N THR A 21 0.05 13.79 7.22
CA THR A 21 -1.01 12.98 6.67
C THR A 21 -2.14 12.63 7.61
N LYS A 22 -2.11 13.15 8.83
CA LYS A 22 -3.18 12.81 9.77
C LYS A 22 -4.54 13.29 9.33
N GLU A 23 -4.61 14.45 8.70
CA GLU A 23 -5.91 14.95 8.24
C GLU A 23 -6.44 14.04 7.13
N VAL A 24 -5.73 13.99 6.01
CA VAL A 24 -6.15 13.18 4.90
C VAL A 24 -6.36 11.70 5.28
N HIS A 25 -5.67 11.21 6.31
CA HIS A 25 -5.87 9.82 6.71
C HIS A 25 -7.30 9.64 7.19
N ILE A 26 -7.77 10.62 7.96
CA ILE A 26 -9.13 10.61 8.50
C ILE A 26 -10.21 10.63 7.40
N ARG A 27 -9.89 11.22 6.25
CA ARG A 27 -10.80 11.29 5.13
C ARG A 27 -10.80 9.97 4.35
N ALA A 28 -9.68 9.28 4.38
CA ALA A 28 -9.54 8.01 3.67
C ALA A 28 -10.09 6.86 4.51
N GLU A 29 -9.88 6.96 5.81
CA GLU A 29 -10.35 5.94 6.74
C GLU A 29 -11.87 5.94 6.76
N ASN A 30 -12.46 7.11 6.51
CA ASN A 30 -13.91 7.25 6.51
C ASN A 30 -14.51 7.47 5.12
N SER A 31 -13.82 7.03 4.08
CA SER A 31 -14.35 7.19 2.74
C SER A 31 -15.47 6.18 2.63
N GLU A 32 -16.33 6.36 1.63
CA GLU A 32 -17.47 5.48 1.45
C GLU A 32 -17.14 4.00 1.32
N PHE A 33 -16.19 3.67 0.45
CA PHE A 33 -15.83 2.27 0.28
C PHE A 33 -15.37 1.63 1.59
N MET A 34 -14.48 2.30 2.31
CA MET A 34 -13.96 1.79 3.57
C MET A 34 -15.07 1.66 4.58
N ARG A 35 -15.91 2.68 4.64
CA ARG A 35 -17.04 2.70 5.55
C ARG A 35 -17.89 1.44 5.33
N ASN A 36 -17.97 1.01 4.08
CA ASN A 36 -18.72 -0.19 3.71
C ASN A 36 -18.01 -1.46 4.13
N PHE A 37 -16.70 -1.48 3.92
CA PHE A 37 -15.91 -2.65 4.27
C PHE A 37 -15.97 -2.96 5.75
N GLN A 38 -15.92 -1.92 6.58
CA GLN A 38 -15.96 -2.11 8.02
C GLN A 38 -17.34 -2.52 8.52
N LYS A 39 -18.33 -2.50 7.65
CA LYS A 39 -19.69 -2.89 8.01
C LYS A 39 -19.89 -4.37 7.73
N GLY A 40 -18.83 -5.06 7.34
CA GLY A 40 -18.92 -6.47 7.04
C GLY A 40 -19.52 -6.69 5.67
N GLN A 41 -20.02 -5.62 5.08
CA GLN A 41 -20.62 -5.69 3.75
C GLN A 41 -19.50 -5.58 2.74
N VAL A 42 -19.10 -6.72 2.20
CA VAL A 42 -18.04 -6.77 1.22
C VAL A 42 -18.15 -8.07 0.46
N SER A 43 -18.59 -7.99 -0.78
CA SER A 43 -18.75 -9.18 -1.62
C SER A 43 -17.43 -9.63 -2.24
N ARG A 44 -17.43 -10.88 -2.71
CA ARG A 44 -16.26 -11.44 -3.36
C ARG A 44 -15.90 -10.54 -4.55
N GLU A 45 -16.93 -10.03 -5.20
CA GLU A 45 -16.77 -9.17 -6.36
C GLU A 45 -15.94 -7.90 -6.11
N GLY A 46 -16.26 -7.18 -5.04
CA GLY A 46 -15.54 -5.96 -4.74
C GLY A 46 -14.17 -6.23 -4.15
N PHE A 47 -14.08 -7.30 -3.36
CA PHE A 47 -12.82 -7.66 -2.74
C PHE A 47 -11.78 -8.02 -3.81
N LYS A 48 -12.17 -8.88 -4.75
CA LYS A 48 -11.27 -9.28 -5.83
C LYS A 48 -10.82 -8.04 -6.59
N LEU A 49 -11.74 -7.08 -6.73
CA LEU A 49 -11.45 -5.85 -7.43
C LEU A 49 -10.34 -5.08 -6.74
N VAL A 50 -10.41 -5.00 -5.41
CA VAL A 50 -9.42 -4.30 -4.61
C VAL A 50 -8.08 -5.02 -4.70
N MET A 51 -8.10 -6.33 -4.48
CA MET A 51 -6.89 -7.14 -4.54
C MET A 51 -6.19 -7.06 -5.88
N ALA A 52 -6.94 -7.10 -6.97
CA ALA A 52 -6.33 -7.03 -8.29
C ALA A 52 -5.65 -5.67 -8.46
N SER A 53 -6.31 -4.63 -7.95
CA SER A 53 -5.76 -3.28 -8.06
C SER A 53 -4.47 -3.16 -7.26
N LEU A 54 -4.43 -3.75 -6.07
CA LEU A 54 -3.23 -3.68 -5.25
C LEU A 54 -2.10 -4.43 -5.94
N TYR A 55 -2.42 -5.52 -6.62
CA TYR A 55 -1.41 -6.29 -7.31
C TYR A 55 -0.64 -5.39 -8.27
N HIS A 56 -1.35 -4.54 -9.00
CA HIS A 56 -0.70 -3.62 -9.93
C HIS A 56 0.08 -2.54 -9.18
N ILE A 57 -0.54 -1.96 -8.15
CA ILE A 57 0.12 -0.93 -7.37
C ILE A 57 1.46 -1.43 -6.84
N TYR A 58 1.45 -2.58 -6.15
CA TYR A 58 2.67 -3.14 -5.59
C TYR A 58 3.69 -3.63 -6.61
N THR A 59 3.20 -4.19 -7.72
CA THR A 59 4.10 -4.63 -8.77
C THR A 59 4.87 -3.41 -9.29
N ALA A 60 4.21 -2.26 -9.30
CA ALA A 60 4.85 -1.04 -9.78
C ALA A 60 5.82 -0.50 -8.74
N LEU A 61 5.36 -0.37 -7.51
CA LEU A 61 6.18 0.14 -6.40
C LEU A 61 7.45 -0.68 -6.19
N GLU A 62 7.30 -2.00 -6.16
CA GLU A 62 8.45 -2.87 -5.94
C GLU A 62 9.41 -2.91 -7.14
N GLU A 63 8.87 -2.77 -8.34
CA GLU A 63 9.69 -2.74 -9.54
C GLU A 63 10.57 -1.47 -9.51
N GLU A 64 10.03 -0.39 -8.93
CA GLU A 64 10.77 0.86 -8.81
C GLU A 64 11.75 0.82 -7.66
N ILE A 65 11.37 0.17 -6.56
CA ILE A 65 12.29 0.05 -5.43
C ILE A 65 13.54 -0.71 -5.86
N GLU A 66 13.38 -1.69 -6.75
CA GLU A 66 14.51 -2.46 -7.23
C GLU A 66 15.43 -1.61 -8.09
N ARG A 67 14.81 -0.79 -8.93
CA ARG A 67 15.58 0.07 -9.80
C ARG A 67 16.43 1.03 -8.98
N ASN A 68 15.93 1.45 -7.82
CA ASN A 68 16.68 2.40 -6.98
C ASN A 68 17.26 1.86 -5.69
N LYS A 69 17.29 0.54 -5.50
CA LYS A 69 17.82 -0.03 -4.26
C LYS A 69 19.24 0.41 -3.89
N GLN A 70 20.09 0.63 -4.89
CA GLN A 70 21.47 1.05 -4.66
C GLN A 70 21.58 2.53 -4.36
N ASN A 71 20.52 3.28 -4.70
CA ASN A 71 20.47 4.73 -4.51
C ASN A 71 20.31 5.11 -3.04
N PRO A 72 21.23 5.93 -2.52
CA PRO A 72 21.23 6.41 -1.13
C PRO A 72 19.95 7.10 -0.65
N VAL A 73 19.07 7.49 -1.57
CA VAL A 73 17.84 8.16 -1.18
C VAL A 73 16.75 7.17 -0.77
N TYR A 74 17.04 5.89 -0.92
CA TYR A 74 16.10 4.86 -0.56
C TYR A 74 16.76 3.68 0.17
N ALA A 75 17.92 3.26 -0.33
CA ALA A 75 18.70 2.14 0.19
C ALA A 75 18.52 1.77 1.66
N PRO A 76 18.62 2.75 2.58
CA PRO A 76 18.45 2.41 4.00
C PRO A 76 17.14 1.69 4.32
N LEU A 77 16.16 1.83 3.43
CA LEU A 77 14.84 1.21 3.62
C LEU A 77 14.56 -0.02 2.76
N TYR A 78 15.58 -0.56 2.12
CA TYR A 78 15.41 -1.72 1.25
C TYR A 78 15.23 -3.03 2.05
N PHE A 79 13.97 -3.42 2.27
CA PHE A 79 13.64 -4.63 3.03
C PHE A 79 12.74 -5.55 2.20
N PRO A 80 13.22 -6.00 1.02
CA PRO A 80 12.36 -6.87 0.23
C PRO A 80 11.83 -8.13 0.92
N GLU A 81 12.69 -8.87 1.59
CA GLU A 81 12.24 -10.09 2.24
C GLU A 81 11.16 -9.92 3.30
N GLU A 82 11.18 -8.79 3.99
CA GLU A 82 10.20 -8.59 5.03
C GLU A 82 8.95 -7.85 4.61
N LEU A 83 9.09 -6.90 3.69
CA LEU A 83 7.94 -6.10 3.29
C LEU A 83 7.22 -6.38 1.98
N HIS A 84 7.98 -6.54 0.90
CA HIS A 84 7.37 -6.72 -0.40
C HIS A 84 6.16 -7.63 -0.44
N ARG A 85 5.14 -7.15 -1.17
CA ARG A 85 3.86 -7.83 -1.29
C ARG A 85 3.58 -8.50 -2.61
N ARG A 86 4.34 -8.18 -3.66
CA ARG A 86 4.10 -8.79 -4.96
C ARG A 86 3.92 -10.32 -4.93
N ALA A 87 4.84 -11.04 -4.30
CA ALA A 87 4.72 -12.50 -4.23
C ALA A 87 3.43 -12.94 -3.54
N ALA A 88 3.09 -12.32 -2.43
CA ALA A 88 1.87 -12.67 -1.72
C ALA A 88 0.63 -12.37 -2.57
N LEU A 89 0.66 -11.26 -3.29
CA LEU A 89 -0.48 -10.88 -4.12
C LEU A 89 -0.69 -11.85 -5.28
N GLU A 90 0.40 -12.42 -5.78
CA GLU A 90 0.29 -13.36 -6.88
C GLU A 90 -0.43 -14.61 -6.40
N GLN A 91 -0.16 -15.01 -5.16
CA GLN A 91 -0.82 -16.18 -4.58
C GLN A 91 -2.31 -15.90 -4.44
N ASP A 92 -2.64 -14.68 -4.04
CA ASP A 92 -4.03 -14.30 -3.87
C ASP A 92 -4.72 -14.24 -5.23
N MET A 93 -4.02 -13.78 -6.25
CA MET A 93 -4.61 -13.70 -7.58
C MET A 93 -4.94 -15.10 -8.10
N ALA A 94 -4.05 -16.06 -7.86
CA ALA A 94 -4.29 -17.42 -8.32
C ALA A 94 -5.48 -18.02 -7.59
N PHE A 95 -5.64 -17.63 -6.33
CA PHE A 95 -6.72 -18.13 -5.49
C PHE A 95 -8.08 -17.56 -5.91
N TRP A 96 -8.14 -16.26 -6.14
CA TRP A 96 -9.40 -15.62 -6.51
C TRP A 96 -9.76 -15.72 -8.01
N TYR A 97 -8.76 -15.60 -8.88
CA TYR A 97 -9.00 -15.65 -10.31
C TYR A 97 -8.63 -16.96 -10.98
N GLY A 98 -8.09 -17.90 -10.23
CA GLY A 98 -7.71 -19.16 -10.82
C GLY A 98 -6.33 -19.14 -11.45
N PRO A 99 -5.94 -20.24 -12.10
CA PRO A 99 -4.65 -20.45 -12.78
C PRO A 99 -4.27 -19.38 -13.79
N HIS A 100 -5.23 -18.99 -14.63
CA HIS A 100 -4.96 -17.99 -15.65
C HIS A 100 -5.45 -16.61 -15.24
N TRP A 101 -5.08 -16.22 -14.03
CA TRP A 101 -5.48 -14.94 -13.47
C TRP A 101 -4.81 -13.78 -14.18
N GLN A 102 -3.61 -14.04 -14.68
CA GLN A 102 -2.82 -13.03 -15.36
C GLN A 102 -3.55 -12.38 -16.54
N GLU A 103 -4.40 -13.13 -17.22
CA GLU A 103 -5.12 -12.56 -18.34
C GLU A 103 -6.58 -12.31 -17.99
N ALA A 104 -6.91 -12.44 -16.70
CA ALA A 104 -8.28 -12.24 -16.27
C ALA A 104 -8.53 -11.05 -15.35
N ILE A 105 -7.50 -10.61 -14.63
CA ILE A 105 -7.67 -9.50 -13.70
C ILE A 105 -7.88 -8.13 -14.34
N PRO A 106 -8.65 -7.25 -13.69
CA PRO A 106 -8.93 -5.91 -14.19
C PRO A 106 -7.78 -4.92 -13.94
N TYR A 107 -7.79 -3.84 -14.70
CA TYR A 107 -6.77 -2.80 -14.58
C TYR A 107 -7.52 -1.50 -14.78
N THR A 108 -8.27 -1.08 -13.75
CA THR A 108 -9.08 0.13 -13.79
C THR A 108 -8.26 1.41 -13.96
N PRO A 109 -8.87 2.45 -14.55
CA PRO A 109 -8.24 3.76 -14.80
C PRO A 109 -7.55 4.37 -13.58
N ALA A 110 -8.25 4.42 -12.44
CA ALA A 110 -7.67 4.99 -11.21
C ALA A 110 -6.39 4.22 -10.85
N THR A 111 -6.41 2.91 -11.07
CA THR A 111 -5.24 2.07 -10.80
C THR A 111 -4.09 2.52 -11.72
N GLN A 112 -4.39 2.72 -13.01
CA GLN A 112 -3.39 3.16 -13.97
C GLN A 112 -2.78 4.49 -13.55
N HIS A 113 -3.61 5.41 -13.09
CA HIS A 113 -3.13 6.71 -12.68
C HIS A 113 -2.09 6.55 -11.57
N TYR A 114 -2.39 5.68 -10.63
CA TYR A 114 -1.52 5.41 -9.49
C TYR A 114 -0.19 4.80 -9.99
N VAL A 115 -0.29 3.79 -10.86
CA VAL A 115 0.89 3.14 -11.40
C VAL A 115 1.74 4.11 -12.23
N LYS A 116 1.08 5.01 -12.97
CA LYS A 116 1.78 5.98 -13.78
C LYS A 116 2.62 6.86 -12.86
N ARG A 117 2.01 7.37 -11.82
CA ARG A 117 2.74 8.22 -10.90
C ARG A 117 3.91 7.46 -10.29
N LEU A 118 3.68 6.22 -9.86
CA LEU A 118 4.74 5.41 -9.27
C LEU A 118 5.98 5.35 -10.18
N HIS A 119 5.77 5.08 -11.46
CA HIS A 119 6.88 5.02 -12.38
C HIS A 119 7.55 6.37 -12.57
N GLU A 120 6.78 7.46 -12.55
CA GLU A 120 7.37 8.79 -12.70
C GLU A 120 8.34 9.04 -11.55
N VAL A 121 7.86 8.84 -10.33
CA VAL A 121 8.68 9.05 -9.15
C VAL A 121 9.90 8.15 -9.16
N GLY A 122 9.67 6.86 -9.39
CA GLY A 122 10.75 5.90 -9.45
C GLY A 122 11.76 6.19 -10.55
N GLY A 123 11.30 6.78 -11.65
CA GLY A 123 12.17 7.09 -12.76
C GLY A 123 12.83 8.47 -12.71
N THR A 124 12.14 9.46 -12.16
CA THR A 124 12.70 10.82 -12.14
C THR A 124 12.82 11.54 -10.79
N HIS A 125 12.08 11.09 -9.78
CA HIS A 125 12.14 11.74 -8.47
C HIS A 125 12.32 10.65 -7.42
N PRO A 126 13.38 9.83 -7.56
CA PRO A 126 13.65 8.75 -6.61
C PRO A 126 13.71 9.19 -5.15
N GLU A 127 13.99 10.47 -4.92
CA GLU A 127 14.04 10.98 -3.55
C GLU A 127 12.64 11.02 -2.93
N LEU A 128 11.61 10.91 -3.76
CA LEU A 128 10.24 10.92 -3.28
C LEU A 128 9.73 9.50 -3.08
N LEU A 129 10.47 8.54 -3.60
CA LEU A 129 10.07 7.15 -3.50
C LEU A 129 9.69 6.77 -2.08
N VAL A 130 10.42 7.32 -1.11
CA VAL A 130 10.17 7.03 0.30
C VAL A 130 8.79 7.48 0.80
N ALA A 131 8.16 8.42 0.09
CA ALA A 131 6.84 8.89 0.48
C ALA A 131 5.81 7.79 0.18
N HIS A 132 6.07 7.01 -0.86
CA HIS A 132 5.16 5.94 -1.24
C HIS A 132 5.36 4.63 -0.46
N ALA A 133 6.60 4.35 -0.05
CA ALA A 133 6.85 3.14 0.75
C ALA A 133 6.16 3.36 2.09
N TYR A 134 6.27 4.59 2.59
CA TYR A 134 5.64 4.98 3.86
C TYR A 134 4.13 4.74 3.79
N THR A 135 3.47 5.45 2.88
CA THR A 135 2.03 5.35 2.67
C THR A 135 1.56 3.90 2.53
N ARG A 136 2.34 3.11 1.81
CA ARG A 136 2.00 1.73 1.58
C ARG A 136 2.42 0.75 2.67
N TYR A 137 3.72 0.65 2.96
CA TYR A 137 4.19 -0.30 3.96
C TYR A 137 3.97 0.08 5.42
N LEU A 138 4.14 1.36 5.74
CA LEU A 138 3.94 1.76 7.13
C LEU A 138 2.47 1.59 7.46
N GLY A 139 1.63 1.68 6.42
CA GLY A 139 0.21 1.49 6.63
C GLY A 139 -0.09 0.03 6.85
N ASP A 140 0.46 -0.83 5.98
CA ASP A 140 0.25 -2.26 6.07
C ASP A 140 0.68 -2.91 7.39
N LEU A 141 1.59 -2.25 8.10
CA LEU A 141 2.09 -2.75 9.38
C LEU A 141 1.33 -2.13 10.57
N SER A 142 0.25 -1.41 10.29
CA SER A 142 -0.51 -0.76 11.36
C SER A 142 -1.95 -1.22 11.52
N GLY A 143 -2.55 -1.70 10.44
CA GLY A 143 -3.94 -2.12 10.55
C GLY A 143 -4.42 -3.21 9.61
N GLY A 144 -3.48 -4.01 9.11
CA GLY A 144 -3.84 -5.11 8.24
C GLY A 144 -4.17 -6.28 9.17
N GLN A 145 -4.63 -5.93 10.37
CA GLN A 145 -5.00 -6.90 11.41
C GLN A 145 -6.51 -6.80 11.66
N VAL A 146 -7.02 -5.59 11.69
CA VAL A 146 -8.43 -5.36 11.94
C VAL A 146 -9.26 -5.62 10.68
N LEU A 147 -8.79 -5.10 9.55
CA LEU A 147 -9.50 -5.29 8.30
C LEU A 147 -9.37 -6.72 7.84
N LYS A 148 -8.28 -7.36 8.24
CA LYS A 148 -8.06 -8.75 7.90
C LYS A 148 -9.20 -9.55 8.50
N LYS A 149 -9.50 -9.28 9.76
CA LYS A 149 -10.56 -10.02 10.43
C LYS A 149 -11.96 -9.74 9.92
N ILE A 150 -12.19 -8.55 9.37
CA ILE A 150 -13.51 -8.24 8.85
C ILE A 150 -13.71 -9.11 7.61
N ALA A 151 -12.65 -9.20 6.81
CA ALA A 151 -12.65 -9.97 5.58
C ALA A 151 -12.96 -11.45 5.82
N GLN A 152 -12.20 -12.07 6.72
CA GLN A 152 -12.41 -13.49 7.02
C GLN A 152 -13.84 -13.76 7.43
N LYS A 153 -14.35 -12.91 8.31
CA LYS A 153 -15.72 -13.06 8.80
C LYS A 153 -16.70 -12.95 7.64
N ALA A 154 -16.65 -11.82 6.96
CA ALA A 154 -17.54 -11.55 5.84
C ALA A 154 -17.61 -12.68 4.82
N MET A 155 -16.46 -13.01 4.23
CA MET A 155 -16.41 -14.02 3.20
C MET A 155 -16.09 -15.46 3.61
N ALA A 156 -15.93 -15.70 4.90
CA ALA A 156 -15.65 -17.05 5.38
C ALA A 156 -14.32 -17.63 4.88
N LEU A 157 -13.24 -16.88 5.08
CA LEU A 157 -11.91 -17.30 4.68
C LEU A 157 -11.18 -18.04 5.82
N PRO A 158 -10.42 -19.10 5.48
CA PRO A 158 -9.65 -19.96 6.40
C PRO A 158 -8.63 -19.20 7.25
N SER A 159 -8.46 -19.61 8.50
CA SER A 159 -7.48 -18.98 9.38
C SER A 159 -6.09 -19.31 8.84
N SER A 160 -6.02 -20.36 8.04
CA SER A 160 -4.75 -20.79 7.44
C SER A 160 -4.18 -19.70 6.54
N GLY A 161 -5.04 -18.81 6.01
CA GLY A 161 -4.55 -17.73 5.20
C GLY A 161 -4.76 -17.68 3.70
N GLU A 162 -5.28 -18.73 3.09
CA GLU A 162 -5.49 -18.71 1.65
C GLU A 162 -6.38 -17.54 1.24
N GLY A 163 -5.92 -16.76 0.27
CA GLY A 163 -6.70 -15.62 -0.19
C GLY A 163 -6.41 -14.35 0.57
N LEU A 164 -5.55 -14.45 1.59
CA LEU A 164 -5.19 -13.31 2.41
C LEU A 164 -3.69 -13.21 2.60
N ALA A 165 -2.93 -13.82 1.70
CA ALA A 165 -1.48 -13.78 1.79
C ALA A 165 -1.00 -12.34 1.98
N PHE A 166 -1.58 -11.44 1.20
CA PHE A 166 -1.26 -10.03 1.25
C PHE A 166 -1.20 -9.46 2.67
N PHE A 167 -2.06 -9.95 3.54
CA PHE A 167 -2.16 -9.45 4.91
C PHE A 167 -1.22 -10.10 5.89
N THR A 168 -0.41 -11.05 5.46
CA THR A 168 0.49 -11.68 6.41
C THR A 168 1.97 -11.35 6.18
N PHE A 169 2.71 -11.24 7.26
CA PHE A 169 4.14 -10.94 7.17
C PHE A 169 4.94 -12.03 7.87
N PRO A 170 5.19 -13.14 7.16
CA PRO A 170 5.93 -14.28 7.71
C PRO A 170 7.35 -13.98 8.20
N SER A 171 8.02 -13.00 7.62
CA SER A 171 9.38 -12.67 8.06
C SER A 171 9.46 -11.60 9.14
N ILE A 172 8.33 -11.11 9.60
CA ILE A 172 8.30 -10.10 10.65
C ILE A 172 7.60 -10.68 11.87
N ASP A 173 8.31 -10.78 12.99
CA ASP A 173 7.71 -11.31 14.20
C ASP A 173 6.79 -10.29 14.85
N ASN A 174 7.34 -9.13 15.17
CA ASN A 174 6.58 -8.07 15.81
C ASN A 174 6.46 -6.82 14.93
N PRO A 175 5.34 -6.67 14.22
CA PRO A 175 5.09 -5.53 13.33
C PRO A 175 5.19 -4.16 13.98
N THR A 176 4.79 -4.06 15.24
CA THR A 176 4.88 -2.78 15.94
C THR A 176 6.35 -2.41 16.13
N LYS A 177 7.13 -3.41 16.55
CA LYS A 177 8.55 -3.22 16.77
C LYS A 177 9.28 -2.96 15.44
N PHE A 178 8.90 -3.70 14.39
CA PHE A 178 9.54 -3.50 13.10
C PHE A 178 9.22 -2.10 12.59
N LYS A 179 7.97 -1.69 12.79
CA LYS A 179 7.52 -0.38 12.35
C LYS A 179 8.39 0.69 13.02
N GLN A 180 8.72 0.49 14.30
CA GLN A 180 9.56 1.45 15.01
C GLN A 180 10.95 1.51 14.37
N LEU A 181 11.50 0.34 14.08
CA LEU A 181 12.82 0.24 13.47
C LEU A 181 12.80 0.98 12.15
N TYR A 182 11.80 0.67 11.34
CA TYR A 182 11.65 1.28 10.04
C TYR A 182 11.61 2.81 10.16
N ARG A 183 10.87 3.32 11.15
CA ARG A 183 10.81 4.78 11.34
C ARG A 183 12.21 5.31 11.56
N ALA A 184 12.93 4.66 12.48
CA ALA A 184 14.29 5.08 12.81
C ALA A 184 15.18 5.07 11.57
N ARG A 185 15.11 4.00 10.79
CA ARG A 185 15.92 3.90 9.59
C ARG A 185 15.53 5.05 8.66
N MET A 186 14.22 5.26 8.55
CA MET A 186 13.65 6.32 7.72
C MET A 186 14.23 7.68 8.10
N ASN A 187 14.54 7.86 9.38
CA ASN A 187 15.08 9.13 9.85
C ASN A 187 16.59 9.30 9.68
N THR A 188 17.25 8.32 9.05
CA THR A 188 18.70 8.44 8.86
C THR A 188 19.01 8.87 7.44
N LEU A 189 17.98 8.99 6.61
CA LEU A 189 18.14 9.42 5.24
C LEU A 189 18.57 10.90 5.21
N GLU A 190 19.35 11.28 4.20
CA GLU A 190 19.78 12.67 4.07
C GLU A 190 18.54 13.53 3.82
N MET A 191 18.32 14.53 4.65
CA MET A 191 17.17 15.38 4.47
C MET A 191 17.53 16.85 4.48
N THR A 192 16.91 17.59 3.57
CA THR A 192 17.15 19.01 3.48
C THR A 192 15.75 19.58 3.46
N PRO A 193 15.62 20.87 3.81
CA PRO A 193 14.28 21.49 3.81
C PRO A 193 13.57 21.16 2.49
N GLU A 194 14.25 21.41 1.39
CA GLU A 194 13.69 21.15 0.07
C GLU A 194 13.11 19.75 -0.09
N VAL A 195 13.85 18.73 0.33
CA VAL A 195 13.38 17.37 0.21
C VAL A 195 12.32 16.98 1.23
N LYS A 196 12.48 17.42 2.47
CA LYS A 196 11.52 17.07 3.50
C LYS A 196 10.16 17.65 3.13
N HIS A 197 10.19 18.82 2.51
CA HIS A 197 8.98 19.51 2.11
C HIS A 197 8.26 18.78 0.99
N ARG A 198 9.00 18.43 -0.06
CA ARG A 198 8.43 17.72 -1.19
C ARG A 198 7.99 16.30 -0.82
N VAL A 199 8.76 15.63 0.03
CA VAL A 199 8.41 14.27 0.42
C VAL A 199 7.04 14.18 1.12
N THR A 200 6.81 15.05 2.10
CA THR A 200 5.52 15.04 2.81
C THR A 200 4.40 15.41 1.84
N GLU A 201 4.71 16.29 0.90
CA GLU A 201 3.73 16.69 -0.09
C GLU A 201 3.35 15.52 -1.00
N GLU A 202 4.32 14.66 -1.31
CA GLU A 202 4.05 13.51 -2.16
C GLU A 202 3.23 12.47 -1.41
N ALA A 203 3.39 12.41 -0.10
CA ALA A 203 2.64 11.45 0.73
C ALA A 203 1.15 11.79 0.73
N LYS A 204 0.83 13.08 0.67
CA LYS A 204 -0.57 13.51 0.65
C LYS A 204 -1.15 13.14 -0.70
N THR A 205 -0.32 13.20 -1.73
CA THR A 205 -0.74 12.85 -3.07
C THR A 205 -1.04 11.35 -3.12
N ALA A 206 -0.14 10.56 -2.53
CA ALA A 206 -0.30 9.12 -2.49
C ALA A 206 -1.64 8.76 -1.85
N PHE A 207 -2.00 9.50 -0.80
CA PHE A 207 -3.27 9.27 -0.12
C PHE A 207 -4.41 9.59 -1.05
N LEU A 208 -4.31 10.72 -1.76
CA LEU A 208 -5.36 11.11 -2.68
C LEU A 208 -5.51 10.07 -3.79
N LEU A 209 -4.40 9.55 -4.30
CA LEU A 209 -4.49 8.53 -5.35
C LEU A 209 -5.28 7.34 -4.78
N ASN A 210 -5.08 7.07 -3.50
CA ASN A 210 -5.80 5.99 -2.85
C ASN A 210 -7.28 6.34 -2.76
N ILE A 211 -7.59 7.48 -2.15
CA ILE A 211 -8.96 7.93 -2.02
C ILE A 211 -9.68 7.94 -3.37
N GLU A 212 -8.95 8.32 -4.43
CA GLU A 212 -9.55 8.34 -5.75
C GLU A 212 -9.84 6.94 -6.20
N LEU A 213 -8.93 6.01 -5.89
CA LEU A 213 -9.12 4.62 -6.28
C LEU A 213 -10.34 4.00 -5.61
N PHE A 214 -10.55 4.34 -4.35
CA PHE A 214 -11.69 3.80 -3.64
C PHE A 214 -13.01 4.38 -4.12
N GLU A 215 -12.99 5.62 -4.56
CA GLU A 215 -14.20 6.25 -5.07
C GLU A 215 -14.54 5.62 -6.40
N GLU A 216 -13.53 5.26 -7.17
CA GLU A 216 -13.76 4.64 -8.46
C GLU A 216 -14.30 3.20 -8.33
N LEU A 217 -13.78 2.46 -7.35
CA LEU A 217 -14.21 1.08 -7.14
C LEU A 217 -15.64 1.07 -6.61
N GLN A 218 -15.94 2.01 -5.73
CA GLN A 218 -17.27 2.13 -5.16
C GLN A 218 -18.27 2.40 -6.29
N ALA A 219 -17.85 3.23 -7.23
CA ALA A 219 -18.68 3.57 -8.39
C ALA A 219 -18.98 2.32 -9.20
N LEU A 220 -17.93 1.62 -9.60
CA LEU A 220 -18.09 0.40 -10.38
C LEU A 220 -19.02 -0.61 -9.71
N LEU A 221 -18.80 -0.87 -8.43
CA LEU A 221 -19.64 -1.82 -7.71
C LEU A 221 -21.12 -1.42 -7.68
N THR A 222 -21.40 -0.13 -7.78
CA THR A 222 -22.78 0.33 -7.80
C THR A 222 -23.18 0.32 -9.27
N GLU A 223 -23.20 -0.89 -9.81
CA GLU A 223 -23.54 -1.17 -11.21
C GLU A 223 -24.26 0.00 -11.88
#